data_5WNL
#
_entry.id   5WNL
#
_cell.length_a   70.158
_cell.length_b   109.563
_cell.length_c   146.221
_cell.angle_alpha   90.00
_cell.angle_beta   90.00
_cell.angle_gamma   90.00
#
_symmetry.space_group_name_H-M   'I 21 21 21'
#
loop_
_entity.id
_entity.type
_entity.pdbx_description
1 polymer 'Receptor-interacting serine/threonine-protein kinase 4'
2 non-polymer STAUROSPORINE
3 non-polymer 'CHLORIDE ION'
4 water water
#
_entity_poly.entity_id   1
_entity_poly.type   'polypeptide(L)'
_entity_poly.pdbx_seq_one_letter_code
;MEGEGRGRWALGLLRTFDAGEFAGWEKVGSGGFGQVYKVRHVHWKTWLAIKCSPSLHVDDRERMELLEEAKKMEMAKFRY
ILPVYGICQEPVGLVMEYMETGSLEKLLASEPLPWDLRFRIVHETAVGMNFLHCMSPPLLHLNLKPANILLDAHYHVKIS
DFGLAKCNGMSHSHDLSMDGLFGTIAYLPPERIREKSRLFDTKHDVYSFAIVIWGVLTQKKPFADEKNILHIMMKVVKGH
RPELPPICRPRPRACASLIGLMQRCWHADPQVRPTFQEITSETEDLCEKPDEEVKDLAHEPGEKSSLESKSEARPESSRL
KRASAPPFDNDCSLSELLSQLD
;
_entity_poly.pdbx_strand_id   A
#
loop_
_chem_comp.id
_chem_comp.type
_chem_comp.name
_chem_comp.formula
CL non-polymer 'CHLORIDE ION' 'Cl -1'
STU non-polymer STAUROSPORINE 'C28 H26 N4 O3'
#
# COMPACT_ATOMS: atom_id res chain seq x y z
N ALA A 10 -5.19 16.87 15.60
CA ALA A 10 -4.95 15.54 14.97
C ALA A 10 -6.06 14.54 15.33
N LEU A 11 -6.20 14.25 16.64
CA LEU A 11 -7.21 13.32 17.16
C LEU A 11 -8.55 14.01 17.50
N GLY A 12 -8.61 15.34 17.37
CA GLY A 12 -9.80 16.11 17.75
C GLY A 12 -10.97 15.91 16.82
N LEU A 13 -10.73 16.07 15.52
CA LEU A 13 -11.78 15.96 14.50
C LEU A 13 -12.34 14.55 14.28
N LEU A 14 -11.62 13.52 14.74
CA LEU A 14 -12.13 12.15 14.65
C LEU A 14 -13.38 11.97 15.52
N ARG A 15 -14.34 11.21 15.02
CA ARG A 15 -15.59 10.95 15.75
C ARG A 15 -15.52 9.61 16.47
N THR A 16 -16.36 9.46 17.48
CA THR A 16 -16.55 8.18 18.16
C THR A 16 -17.85 7.57 17.66
N PHE A 17 -17.83 6.28 17.34
CA PHE A 17 -18.98 5.57 16.80
C PHE A 17 -19.46 4.49 17.75
N ASP A 18 -20.78 4.37 17.92
CA ASP A 18 -21.40 3.22 18.58
C ASP A 18 -21.75 2.23 17.51
N ALA A 19 -21.68 0.94 17.85
CA ALA A 19 -22.05 -0.12 16.90
C ALA A 19 -23.51 -0.02 16.42
N GLY A 20 -24.38 0.57 17.25
CA GLY A 20 -25.78 0.85 16.86
C GLY A 20 -25.93 1.76 15.66
N GLU A 21 -24.96 2.65 15.44
CA GLU A 21 -24.92 3.49 14.23
C GLU A 21 -24.69 2.66 12.93
N PHE A 22 -24.16 1.44 13.05
CA PHE A 22 -23.88 0.57 11.89
C PHE A 22 -24.88 -0.56 11.72
N ALA A 23 -24.85 -1.18 10.54
CA ALA A 23 -25.75 -2.29 10.18
C ALA A 23 -25.22 -3.05 8.96
N GLY A 24 -25.85 -4.18 8.65
CA GLY A 24 -25.49 -4.99 7.49
C GLY A 24 -24.01 -5.35 7.43
N TRP A 25 -23.46 -5.78 8.57
CA TRP A 25 -22.03 -6.07 8.72
C TRP A 25 -21.63 -7.20 7.78
N GLU A 26 -20.48 -7.08 7.14
CA GLU A 26 -20.06 -8.02 6.10
C GLU A 26 -18.54 -8.07 6.02
N LYS A 27 -17.96 -9.24 6.30
CA LYS A 27 -16.49 -9.41 6.29
C LYS A 27 -15.94 -9.21 4.87
N VAL A 28 -14.85 -8.45 4.76
CA VAL A 28 -14.16 -8.23 3.47
C VAL A 28 -12.69 -8.67 3.47
N GLY A 29 -12.03 -8.65 4.62
CA GLY A 29 -10.69 -9.23 4.76
C GLY A 29 -10.28 -9.47 6.21
N SER A 30 -9.25 -10.29 6.40
CA SER A 30 -8.82 -10.72 7.75
C SER A 30 -7.33 -11.07 7.77
N GLY A 31 -6.82 -11.44 8.96
CA GLY A 31 -5.40 -11.73 9.16
C GLY A 31 -4.92 -11.35 10.55
N GLY A 32 -3.75 -10.70 10.62
CA GLY A 32 -3.14 -10.31 11.89
C GLY A 32 -3.90 -9.20 12.58
N PHE A 33 -4.05 -8.06 11.89
CA PHE A 33 -4.93 -6.98 12.33
C PHE A 33 -6.34 -7.57 12.51
N GLY A 34 -6.84 -8.21 11.45
CA GLY A 34 -7.95 -9.15 11.56
C GLY A 34 -9.34 -8.53 11.65
N GLN A 35 -10.27 -9.11 10.90
CA GLN A 35 -11.67 -8.64 10.85
C GLN A 35 -11.80 -7.19 10.35
N VAL A 36 -11.93 -7.04 9.02
CA VAL A 36 -12.38 -5.80 8.41
C VAL A 36 -13.77 -6.02 7.83
N TYR A 37 -14.68 -5.09 8.10
CA TYR A 37 -16.07 -5.23 7.68
C TYR A 37 -16.55 -4.05 6.85
N LYS A 38 -17.31 -4.35 5.81
CA LYS A 38 -18.16 -3.38 5.14
C LYS A 38 -19.39 -3.19 6.03
N VAL A 39 -19.62 -1.95 6.47
CA VAL A 39 -20.80 -1.60 7.28
C VAL A 39 -21.55 -0.43 6.65
N ARG A 40 -22.87 -0.41 6.83
CA ARG A 40 -23.68 0.73 6.46
C ARG A 40 -23.92 1.60 7.68
N HIS A 41 -23.47 2.86 7.62
CA HIS A 41 -23.86 3.86 8.61
C HIS A 41 -25.28 4.25 8.28
N VAL A 42 -26.23 3.91 9.15
CA VAL A 42 -27.66 4.05 8.83
C VAL A 42 -28.12 5.50 8.68
N HIS A 43 -27.64 6.39 9.54
CA HIS A 43 -28.00 7.81 9.48
C HIS A 43 -27.37 8.57 8.30
N TRP A 44 -26.14 8.19 7.94
CA TRP A 44 -25.39 8.87 6.86
C TRP A 44 -25.70 8.27 5.49
N LYS A 45 -26.31 7.09 5.47
CA LYS A 45 -26.71 6.42 4.23
C LYS A 45 -25.54 6.23 3.24
N THR A 46 -24.41 5.79 3.78
CA THR A 46 -23.27 5.37 2.98
C THR A 46 -22.58 4.23 3.68
N TRP A 47 -21.78 3.51 2.90
CA TRP A 47 -21.01 2.41 3.40
C TRP A 47 -19.69 2.94 3.94
N LEU A 48 -19.23 2.35 5.04
CA LEU A 48 -17.91 2.61 5.58
C LEU A 48 -17.20 1.27 5.79
N ALA A 49 -15.91 1.35 6.12
CA ALA A 49 -15.10 0.18 6.46
C ALA A 49 -14.69 0.27 7.92
N ILE A 50 -14.71 -0.86 8.62
CA ILE A 50 -14.21 -0.91 10.01
C ILE A 50 -13.29 -2.11 10.23
N LYS A 51 -12.06 -1.81 10.66
CA LYS A 51 -11.07 -2.82 11.05
C LYS A 51 -11.16 -3.01 12.58
N CYS A 52 -11.55 -4.21 13.01
CA CYS A 52 -11.72 -4.51 14.44
C CYS A 52 -10.49 -5.19 15.04
N SER A 53 -10.50 -5.32 16.37
CA SER A 53 -9.40 -5.97 17.12
C SER A 53 -9.71 -7.47 17.35
N PRO A 54 -8.65 -8.31 17.50
CA PRO A 54 -8.77 -9.65 18.05
C PRO A 54 -8.05 -9.79 19.40
N VAL A 58 -7.74 -6.12 23.03
CA VAL A 58 -8.48 -5.97 24.28
C VAL A 58 -7.84 -4.92 25.21
N ASP A 59 -6.50 -4.88 25.25
CA ASP A 59 -5.76 -4.05 26.22
C ASP A 59 -5.50 -2.60 25.76
N ASP A 60 -4.87 -1.80 26.63
CA ASP A 60 -4.59 -0.37 26.34
C ASP A 60 -3.47 -0.14 25.31
N ARG A 61 -2.63 -1.14 25.08
CA ARG A 61 -1.60 -1.06 24.03
C ARG A 61 -2.22 -0.96 22.62
N GLU A 62 -3.26 -1.75 22.38
CA GLU A 62 -4.01 -1.71 21.11
C GLU A 62 -4.76 -0.39 20.93
N ARG A 63 -5.45 0.06 21.99
CA ARG A 63 -6.23 1.30 21.95
C ARG A 63 -5.40 2.53 21.59
N MET A 64 -4.22 2.67 22.20
CA MET A 64 -3.29 3.75 21.88
C MET A 64 -2.66 3.59 20.48
N GLU A 65 -2.38 2.35 20.08
CA GLU A 65 -1.79 2.05 18.76
C GLU A 65 -2.80 2.29 17.63
N LEU A 66 -4.05 1.91 17.87
CA LEU A 66 -5.16 2.17 16.94
C LEU A 66 -5.41 3.66 16.77
N LEU A 67 -5.35 4.39 17.88
CA LEU A 67 -5.50 5.85 17.89
C LEU A 67 -4.35 6.52 17.14
N GLU A 68 -3.13 6.02 17.34
CA GLU A 68 -1.96 6.48 16.58
C GLU A 68 -2.18 6.28 15.07
N GLU A 69 -2.69 5.11 14.69
CA GLU A 69 -2.94 4.79 13.28
C GLU A 69 -3.90 5.80 12.66
N ALA A 70 -4.96 6.12 13.40
CA ALA A 70 -5.95 7.08 12.95
C ALA A 70 -5.37 8.48 12.80
N LYS A 71 -4.53 8.90 13.74
CA LYS A 71 -3.90 10.22 13.70
C LYS A 71 -2.92 10.37 12.53
N LYS A 72 -2.22 9.29 12.20
CA LYS A 72 -1.32 9.29 11.02
C LYS A 72 -2.10 9.41 9.72
N MET A 73 -3.20 8.66 9.60
CA MET A 73 -4.10 8.77 8.44
C MET A 73 -4.67 10.17 8.27
N GLU A 74 -5.08 10.77 9.41
CA GLU A 74 -5.67 12.11 9.43
C GLU A 74 -4.66 13.17 9.00
N MET A 75 -3.43 13.07 9.50
CA MET A 75 -2.35 13.99 9.11
C MET A 75 -2.03 13.93 7.61
N ALA A 76 -2.27 12.78 6.99
CA ALA A 76 -2.02 12.57 5.56
C ALA A 76 -3.29 12.62 4.69
N LYS A 77 -4.27 13.44 5.09
CA LYS A 77 -5.51 13.60 4.33
C LYS A 77 -5.16 14.06 2.91
N PHE A 78 -5.50 13.23 1.92
CA PHE A 78 -5.10 13.47 0.54
C PHE A 78 -5.93 12.63 -0.43
N ARG A 79 -6.03 13.11 -1.66
CA ARG A 79 -6.75 12.45 -2.76
C ARG A 79 -6.41 10.95 -2.95
N TYR A 80 -5.15 10.59 -2.78
CA TYR A 80 -4.67 9.21 -2.97
C TYR A 80 -4.32 8.50 -1.66
N ILE A 81 -4.85 9.00 -0.54
CA ILE A 81 -4.73 8.35 0.76
C ILE A 81 -6.14 8.08 1.29
N LEU A 82 -6.36 6.87 1.79
CA LEU A 82 -7.66 6.50 2.33
C LEU A 82 -8.04 7.44 3.48
N PRO A 83 -9.24 8.05 3.41
CA PRO A 83 -9.73 8.83 4.55
C PRO A 83 -10.04 7.98 5.78
N VAL A 84 -9.87 8.58 6.95
CA VAL A 84 -10.26 7.98 8.22
C VAL A 84 -11.36 8.86 8.83
N TYR A 85 -12.38 8.21 9.38
CA TYR A 85 -13.50 8.92 9.98
C TYR A 85 -13.45 8.91 11.50
N GLY A 86 -13.02 7.80 12.10
CA GLY A 86 -12.73 7.77 13.54
C GLY A 86 -12.71 6.39 14.16
N ILE A 87 -13.25 6.29 15.36
CA ILE A 87 -13.06 5.14 16.25
C ILE A 87 -14.42 4.57 16.71
N CYS A 88 -14.57 3.26 16.60
CA CYS A 88 -15.62 2.54 17.31
C CYS A 88 -15.03 2.00 18.62
N GLN A 89 -15.88 1.80 19.62
CA GLN A 89 -15.48 1.11 20.87
C GLN A 89 -16.41 0.00 21.34
N GLU A 90 -17.57 -0.18 20.70
CA GLU A 90 -18.46 -1.31 21.01
C GLU A 90 -17.68 -2.60 20.73
N PRO A 91 -17.32 -2.85 19.46
CA PRO A 91 -16.01 -3.45 19.20
C PRO A 91 -15.00 -2.35 18.90
N VAL A 92 -13.84 -2.37 19.56
CA VAL A 92 -12.79 -1.39 19.26
C VAL A 92 -12.35 -1.54 17.81
N GLY A 93 -12.39 -0.44 17.07
CA GLY A 93 -12.13 -0.49 15.64
C GLY A 93 -11.90 0.86 14.99
N LEU A 94 -11.16 0.82 13.90
CA LEU A 94 -10.83 2.01 13.12
C LEU A 94 -11.87 2.13 12.02
N VAL A 95 -12.58 3.26 11.97
CA VAL A 95 -13.64 3.49 10.98
C VAL A 95 -13.10 4.38 9.87
N MET A 96 -13.17 3.88 8.64
CA MET A 96 -12.62 4.58 7.48
C MET A 96 -13.48 4.41 6.24
N GLU A 97 -13.13 5.14 5.18
CA GLU A 97 -13.85 5.08 3.91
C GLU A 97 -13.86 3.68 3.32
N TYR A 98 -14.95 3.34 2.63
CA TYR A 98 -15.11 2.05 1.96
C TYR A 98 -14.72 2.18 0.49
N MET A 99 -13.90 1.25 0.02
CA MET A 99 -13.41 1.22 -1.35
C MET A 99 -14.02 0.00 -2.04
N GLU A 100 -15.06 0.22 -2.84
CA GLU A 100 -15.87 -0.86 -3.45
C GLU A 100 -15.08 -1.95 -4.15
N THR A 101 -14.12 -1.54 -4.96
CA THR A 101 -13.42 -2.44 -5.86
C THR A 101 -12.36 -3.29 -5.14
N GLY A 102 -12.00 -2.92 -3.90
CA GLY A 102 -11.06 -3.71 -3.12
C GLY A 102 -9.63 -3.46 -3.57
N SER A 103 -8.78 -4.47 -3.44
CA SER A 103 -7.34 -4.29 -3.53
C SER A 103 -6.79 -4.49 -4.94
N LEU A 104 -5.60 -3.94 -5.16
CA LEU A 104 -4.85 -4.16 -6.38
C LEU A 104 -4.48 -5.64 -6.54
N GLU A 105 -4.19 -6.30 -5.42
CA GLU A 105 -3.88 -7.73 -5.41
C GLU A 105 -4.97 -8.53 -6.10
N LYS A 106 -6.22 -8.29 -5.71
CA LYS A 106 -7.36 -8.97 -6.32
C LYS A 106 -7.54 -8.56 -7.78
N LEU A 107 -7.36 -7.28 -8.07
CA LEU A 107 -7.49 -6.80 -9.44
C LEU A 107 -6.47 -7.46 -10.38
N LEU A 108 -5.23 -7.62 -9.91
CA LEU A 108 -4.20 -8.24 -10.74
C LEU A 108 -4.44 -9.72 -10.99
N ALA A 109 -5.11 -10.39 -10.05
CA ALA A 109 -5.45 -11.80 -10.20
C ALA A 109 -6.70 -12.04 -11.05
N SER A 110 -7.54 -11.00 -11.22
CA SER A 110 -8.87 -11.17 -11.84
C SER A 110 -8.81 -11.41 -13.35
N GLU A 111 -8.25 -10.46 -14.09
CA GLU A 111 -8.19 -10.53 -15.56
C GLU A 111 -7.09 -9.61 -16.10
N PRO A 112 -6.68 -9.81 -17.38
CA PRO A 112 -5.71 -8.90 -17.99
C PRO A 112 -6.20 -7.45 -17.99
N LEU A 113 -5.34 -6.54 -17.55
CA LEU A 113 -5.69 -5.12 -17.44
C LEU A 113 -5.15 -4.32 -18.64
N PRO A 114 -5.94 -3.34 -19.12
CA PRO A 114 -5.39 -2.45 -20.15
C PRO A 114 -4.20 -1.65 -19.63
N TRP A 115 -3.20 -1.46 -20.47
CA TRP A 115 -1.95 -0.78 -20.09
C TRP A 115 -2.13 0.66 -19.62
N ASP A 116 -3.10 1.38 -20.20
CA ASP A 116 -3.35 2.75 -19.74
C ASP A 116 -3.79 2.80 -18.27
N LEU A 117 -4.61 1.83 -17.86
CA LEU A 117 -5.02 1.71 -16.48
C LEU A 117 -3.85 1.30 -15.56
N ARG A 118 -3.00 0.39 -16.05
CA ARG A 118 -1.82 -0.04 -15.31
C ARG A 118 -0.89 1.12 -15.01
N PHE A 119 -0.64 1.95 -16.01
CA PHE A 119 0.24 3.12 -15.83
C PHE A 119 -0.40 4.12 -14.88
N ARG A 120 -1.72 4.29 -14.95
CA ARG A 120 -2.44 5.20 -14.06
C ARG A 120 -2.38 4.72 -12.61
N ILE A 121 -2.50 3.41 -12.40
CA ILE A 121 -2.41 2.84 -11.06
C ILE A 121 -1.02 3.07 -10.47
N VAL A 122 0.00 2.83 -11.28
CA VAL A 122 1.40 3.06 -10.85
C VAL A 122 1.60 4.53 -10.51
N HIS A 123 1.14 5.41 -11.39
CA HIS A 123 1.31 6.84 -11.20
C HIS A 123 0.61 7.36 -9.95
N GLU A 124 -0.66 7.02 -9.79
CA GLU A 124 -1.43 7.45 -8.62
C GLU A 124 -0.83 6.93 -7.31
N THR A 125 -0.38 5.68 -7.31
CA THR A 125 0.33 5.13 -6.16
C THR A 125 1.57 5.97 -5.83
N ALA A 126 2.33 6.33 -6.87
CA ALA A 126 3.54 7.12 -6.69
C ALA A 126 3.22 8.52 -6.15
N VAL A 127 2.15 9.15 -6.63
CA VAL A 127 1.71 10.48 -6.15
C VAL A 127 1.28 10.40 -4.67
N GLY A 128 0.59 9.33 -4.30
CA GLY A 128 0.26 9.08 -2.90
C GLY A 128 1.50 8.96 -2.01
N MET A 129 2.46 8.15 -2.45
CA MET A 129 3.69 7.96 -1.68
C MET A 129 4.51 9.25 -1.59
N ASN A 130 4.58 9.98 -2.71
CA ASN A 130 5.23 11.30 -2.74
C ASN A 130 4.66 12.24 -1.68
N PHE A 131 3.34 12.27 -1.56
CA PHE A 131 2.66 13.12 -0.59
C PHE A 131 3.13 12.82 0.83
N LEU A 132 3.20 11.54 1.16
CA LEU A 132 3.62 11.10 2.49
C LEU A 132 5.05 11.54 2.80
N HIS A 133 5.95 11.36 1.83
CA HIS A 133 7.36 11.75 1.96
C HIS A 133 7.57 13.27 1.96
N CYS A 134 6.61 14.02 1.39
CA CYS A 134 6.65 15.48 1.43
C CYS A 134 6.20 16.08 2.77
N MET A 135 5.58 15.28 3.63
CA MET A 135 5.22 15.75 4.96
C MET A 135 6.48 16.10 5.76
N SER A 136 6.30 16.95 6.76
CA SER A 136 7.38 17.36 7.66
C SER A 136 6.97 17.01 9.10
N PRO A 137 7.55 15.97 9.71
CA PRO A 137 8.54 15.08 9.09
C PRO A 137 7.91 14.10 8.08
N PRO A 138 8.75 13.49 7.20
CA PRO A 138 8.26 12.49 6.26
C PRO A 138 7.55 11.33 6.96
N LEU A 139 6.38 10.95 6.44
CA LEU A 139 5.67 9.78 6.94
C LEU A 139 6.03 8.58 6.06
N LEU A 140 6.66 7.57 6.65
CA LEU A 140 7.04 6.36 5.93
C LEU A 140 5.92 5.36 6.09
N HIS A 141 5.55 4.69 4.99
CA HIS A 141 4.44 3.74 5.01
C HIS A 141 4.90 2.39 5.56
N LEU A 142 5.95 1.85 4.93
CA LEU A 142 6.67 0.63 5.37
C LEU A 142 5.88 -0.69 5.25
N ASN A 143 4.75 -0.64 4.56
CA ASN A 143 3.92 -1.82 4.32
C ASN A 143 3.21 -1.74 2.96
N LEU A 144 3.88 -1.13 1.98
CA LEU A 144 3.26 -0.86 0.68
C LEU A 144 3.34 -2.11 -0.20
N LYS A 145 2.18 -2.57 -0.63
CA LYS A 145 2.06 -3.75 -1.47
C LYS A 145 0.67 -3.75 -2.13
N PRO A 146 0.48 -4.49 -3.23
CA PRO A 146 -0.82 -4.45 -3.92
C PRO A 146 -2.02 -4.74 -3.02
N ALA A 147 -1.83 -5.59 -2.02
CA ALA A 147 -2.90 -5.91 -1.06
C ALA A 147 -3.39 -4.70 -0.27
N ASN A 148 -2.49 -3.73 -0.03
CA ASN A 148 -2.80 -2.50 0.70
C ASN A 148 -3.10 -1.29 -0.19
N ILE A 149 -3.06 -1.48 -1.51
CA ILE A 149 -3.43 -0.43 -2.44
C ILE A 149 -4.89 -0.67 -2.83
N LEU A 150 -5.78 0.18 -2.33
CA LEU A 150 -7.21 0.03 -2.55
C LEU A 150 -7.69 0.89 -3.71
N LEU A 151 -8.80 0.47 -4.30
CA LEU A 151 -9.31 1.05 -5.53
C LEU A 151 -10.78 1.39 -5.37
N ASP A 152 -11.19 2.55 -5.87
CA ASP A 152 -12.60 2.97 -5.81
C ASP A 152 -13.36 2.45 -7.01
N ALA A 153 -14.65 2.78 -7.09
CA ALA A 153 -15.54 2.29 -8.15
C ALA A 153 -15.06 2.60 -9.56
N HIS A 154 -14.23 3.65 -9.72
CA HIS A 154 -13.67 4.02 -11.01
C HIS A 154 -12.17 3.68 -11.14
N TYR A 155 -11.71 2.79 -10.26
CA TYR A 155 -10.34 2.25 -10.29
C TYR A 155 -9.23 3.26 -10.01
N HIS A 156 -9.53 4.29 -9.22
CA HIS A 156 -8.52 5.23 -8.74
C HIS A 156 -7.98 4.75 -7.39
N VAL A 157 -6.70 5.01 -7.17
CA VAL A 157 -5.95 4.44 -6.05
C VAL A 157 -6.18 5.25 -4.77
N LYS A 158 -6.32 4.55 -3.66
CA LYS A 158 -6.12 5.15 -2.34
C LYS A 158 -5.29 4.20 -1.48
N ILE A 159 -4.16 4.70 -0.98
CA ILE A 159 -3.24 3.92 -0.17
C ILE A 159 -3.85 3.69 1.21
N SER A 160 -3.67 2.46 1.72
CA SER A 160 -4.30 2.00 2.95
C SER A 160 -3.32 1.28 3.85
N ASP A 161 -3.80 0.93 5.05
CA ASP A 161 -3.05 0.17 6.06
C ASP A 161 -1.83 0.91 6.54
N PHE A 162 -2.07 1.83 7.48
CA PHE A 162 -1.00 2.60 8.12
C PHE A 162 -0.56 2.00 9.48
N GLY A 163 -0.84 0.71 9.69
CA GLY A 163 -0.47 0.01 10.93
C GLY A 163 1.01 0.01 11.25
N LEU A 164 1.86 -0.04 10.23
CA LEU A 164 3.32 -0.07 10.40
C LEU A 164 4.03 1.24 10.03
N ALA A 165 3.27 2.31 9.79
CA ALA A 165 3.85 3.61 9.37
C ALA A 165 4.54 4.31 10.55
N LYS A 166 5.51 5.18 10.24
CA LYS A 166 6.37 5.81 11.26
C LYS A 166 6.70 7.28 10.96
N CYS A 167 6.63 8.13 11.98
CA CYS A 167 7.07 9.54 11.92
C CYS A 167 8.40 9.72 12.66
N PHE A 182 5.42 -14.02 6.21
CA PHE A 182 5.17 -14.55 4.87
C PHE A 182 4.52 -13.49 4.00
N GLY A 183 4.87 -13.49 2.71
CA GLY A 183 4.32 -12.54 1.74
C GLY A 183 5.08 -11.22 1.71
N THR A 184 5.17 -10.57 2.87
CA THR A 184 5.91 -9.31 3.03
C THR A 184 7.43 -9.41 2.80
N ILE A 185 8.00 -10.63 2.76
CA ILE A 185 9.43 -10.80 2.50
C ILE A 185 9.84 -10.21 1.14
N ALA A 186 9.01 -10.42 0.12
CA ALA A 186 9.25 -9.90 -1.23
C ALA A 186 9.35 -8.37 -1.30
N TYR A 187 8.63 -7.68 -0.43
CA TYR A 187 8.60 -6.21 -0.38
C TYR A 187 9.63 -5.61 0.58
N LEU A 188 10.46 -6.47 1.16
CA LEU A 188 11.42 -6.06 2.17
C LEU A 188 12.72 -5.64 1.49
N PRO A 189 13.22 -4.43 1.77
CA PRO A 189 14.48 -4.03 1.13
C PRO A 189 15.65 -4.90 1.61
N PRO A 190 16.63 -5.18 0.72
CA PRO A 190 17.75 -6.06 1.07
C PRO A 190 18.59 -5.58 2.26
N GLU A 191 18.67 -4.26 2.45
CA GLU A 191 19.42 -3.69 3.59
C GLU A 191 18.78 -4.00 4.94
N ARG A 192 17.49 -4.30 4.94
CA ARG A 192 16.77 -4.76 6.13
C ARG A 192 17.12 -6.20 6.49
N ILE A 193 17.58 -6.97 5.49
CA ILE A 193 18.12 -8.32 5.71
C ILE A 193 19.61 -8.26 6.08
N ARG A 194 20.36 -7.36 5.42
CA ARG A 194 21.81 -7.19 5.67
C ARG A 194 22.12 -6.71 7.09
N GLU A 195 21.28 -5.82 7.61
CA GLU A 195 21.52 -5.14 8.86
C GLU A 195 20.45 -5.53 9.85
N LYS A 196 20.85 -5.94 11.05
CA LYS A 196 19.93 -6.06 12.17
C LYS A 196 19.60 -4.65 12.63
N SER A 197 18.31 -4.30 12.65
CA SER A 197 17.83 -3.02 13.18
C SER A 197 18.48 -1.79 12.54
N ARG A 198 18.10 -1.52 11.29
CA ARG A 198 18.54 -0.33 10.55
C ARG A 198 17.52 0.79 10.78
N LEU A 199 17.95 2.03 10.64
CA LEU A 199 17.02 3.17 10.68
C LEU A 199 16.16 3.19 9.40
N PHE A 200 14.85 3.01 9.58
CA PHE A 200 13.85 3.14 8.51
C PHE A 200 13.96 4.50 7.80
N ASP A 201 13.92 4.48 6.46
CA ASP A 201 13.97 5.71 5.66
C ASP A 201 13.05 5.66 4.43
N THR A 202 13.00 6.76 3.69
CA THR A 202 12.18 6.85 2.48
C THR A 202 12.54 5.81 1.42
N LYS A 203 13.80 5.37 1.39
CA LYS A 203 14.26 4.40 0.41
C LYS A 203 13.68 2.99 0.61
N HIS A 204 13.21 2.70 1.83
CA HIS A 204 12.46 1.47 2.09
C HIS A 204 11.21 1.44 1.20
N ASP A 205 10.38 2.48 1.29
CA ASP A 205 9.14 2.59 0.50
C ASP A 205 9.39 2.53 -1.02
N VAL A 206 10.48 3.15 -1.46
CA VAL A 206 10.85 3.14 -2.88
C VAL A 206 11.11 1.72 -3.39
N TYR A 207 11.77 0.90 -2.56
CA TYR A 207 12.00 -0.50 -2.89
C TYR A 207 10.69 -1.25 -3.02
N SER A 208 9.84 -1.12 -2.01
CA SER A 208 8.55 -1.79 -2.02
C SER A 208 7.73 -1.41 -3.25
N PHE A 209 7.79 -0.13 -3.61
CA PHE A 209 7.13 0.38 -4.82
C PHE A 209 7.65 -0.30 -6.08
N ALA A 210 8.95 -0.61 -6.11
CA ALA A 210 9.53 -1.33 -7.25
C ALA A 210 8.84 -2.68 -7.45
N ILE A 211 8.59 -3.36 -6.34
CA ILE A 211 7.96 -4.67 -6.37
C ILE A 211 6.47 -4.54 -6.72
N VAL A 212 5.85 -3.41 -6.36
CA VAL A 212 4.48 -3.11 -6.80
C VAL A 212 4.45 -2.95 -8.33
N ILE A 213 5.41 -2.21 -8.88
CA ILE A 213 5.54 -2.05 -10.34
C ILE A 213 5.65 -3.42 -11.00
N TRP A 214 6.50 -4.30 -10.45
CA TRP A 214 6.69 -5.63 -11.00
C TRP A 214 5.37 -6.40 -11.08
N GLY A 215 4.56 -6.29 -10.02
CA GLY A 215 3.25 -6.91 -9.99
C GLY A 215 2.29 -6.35 -11.02
N VAL A 216 2.32 -5.04 -11.22
CA VAL A 216 1.47 -4.39 -12.24
C VAL A 216 1.92 -4.80 -13.64
N LEU A 217 3.23 -4.91 -13.87
CA LEU A 217 3.76 -5.33 -15.17
C LEU A 217 3.40 -6.78 -15.52
N THR A 218 3.46 -7.66 -14.53
CA THR A 218 3.31 -9.11 -14.77
C THR A 218 1.93 -9.67 -14.41
N GLN A 219 1.20 -8.99 -13.53
CA GLN A 219 -0.02 -9.52 -12.90
C GLN A 219 0.20 -10.83 -12.14
N LYS A 220 1.42 -10.98 -11.61
CA LYS A 220 1.81 -12.13 -10.81
C LYS A 220 2.27 -11.63 -9.46
N LYS A 221 2.30 -12.53 -8.48
CA LYS A 221 2.91 -12.23 -7.20
C LYS A 221 4.41 -12.57 -7.27
N PRO A 222 5.26 -11.74 -6.63
CA PRO A 222 6.71 -11.95 -6.70
C PRO A 222 7.16 -13.20 -5.93
N PHE A 223 8.11 -13.94 -6.51
CA PHE A 223 8.65 -15.17 -5.91
C PHE A 223 7.54 -16.16 -5.51
N ALA A 224 6.52 -16.28 -6.35
CA ALA A 224 5.35 -17.11 -6.07
C ALA A 224 5.62 -18.61 -6.21
N ASP A 225 6.59 -18.98 -7.04
CA ASP A 225 6.90 -20.39 -7.31
C ASP A 225 7.96 -20.92 -6.35
N GLU A 226 9.09 -20.20 -6.26
CA GLU A 226 10.20 -20.56 -5.36
C GLU A 226 9.70 -20.72 -3.92
N LYS A 227 9.96 -21.90 -3.34
CA LYS A 227 9.47 -22.24 -1.98
C LYS A 227 10.50 -21.97 -0.86
N ASN A 228 11.79 -22.08 -1.18
CA ASN A 228 12.89 -21.72 -0.26
C ASN A 228 12.88 -20.20 -0.03
N ILE A 229 12.35 -19.77 1.12
CA ILE A 229 12.28 -18.32 1.46
C ILE A 229 13.66 -17.77 1.84
N LEU A 230 14.47 -18.61 2.48
CA LEU A 230 15.78 -18.17 2.98
C LEU A 230 16.79 -18.04 1.85
N HIS A 231 16.79 -19.00 0.92
CA HIS A 231 17.72 -18.95 -0.23
C HIS A 231 17.45 -17.71 -1.06
N ILE A 232 16.18 -17.44 -1.32
CA ILE A 232 15.78 -16.33 -2.16
C ILE A 232 16.06 -14.99 -1.46
N MET A 233 15.85 -14.95 -0.15
CA MET A 233 16.23 -13.79 0.67
C MET A 233 17.73 -13.53 0.66
N MET A 234 18.54 -14.59 0.83
CA MET A 234 20.00 -14.49 0.74
C MET A 234 20.43 -13.94 -0.62
N LYS A 235 19.88 -14.52 -1.69
CA LYS A 235 20.19 -14.05 -3.05
C LYS A 235 19.84 -12.57 -3.24
N VAL A 236 18.74 -12.12 -2.64
CA VAL A 236 18.30 -10.71 -2.70
C VAL A 236 19.33 -9.73 -2.08
N VAL A 237 19.98 -10.13 -0.98
CA VAL A 237 21.11 -9.35 -0.42
C VAL A 237 22.25 -9.14 -1.43
N LYS A 238 22.49 -10.14 -2.28
CA LYS A 238 23.53 -10.07 -3.33
C LYS A 238 23.05 -9.58 -4.72
N GLY A 239 21.83 -9.02 -4.81
CA GLY A 239 21.31 -8.39 -6.02
C GLY A 239 20.32 -9.18 -6.88
N HIS A 240 19.78 -10.28 -6.34
CA HIS A 240 18.74 -11.05 -7.03
C HIS A 240 17.38 -10.36 -6.89
N ARG A 241 16.61 -10.33 -7.98
CA ARG A 241 15.29 -9.69 -8.02
C ARG A 241 14.29 -10.55 -8.79
N PRO A 242 12.99 -10.22 -8.71
CA PRO A 242 12.02 -10.87 -9.61
C PRO A 242 12.44 -10.80 -11.08
N GLU A 243 12.15 -11.85 -11.83
CA GLU A 243 12.56 -11.97 -13.23
C GLU A 243 11.98 -10.81 -14.04
N LEU A 244 12.82 -10.16 -14.85
CA LEU A 244 12.36 -9.05 -15.68
C LEU A 244 11.31 -9.54 -16.67
N PRO A 245 10.17 -8.83 -16.76
CA PRO A 245 9.18 -9.21 -17.75
C PRO A 245 9.64 -8.79 -19.14
N PRO A 246 9.07 -9.41 -20.19
CA PRO A 246 9.40 -8.98 -21.53
C PRO A 246 8.73 -7.65 -21.84
N ILE A 247 9.09 -7.05 -22.97
CA ILE A 247 8.49 -5.79 -23.41
C ILE A 247 7.15 -6.13 -24.05
N CYS A 248 6.07 -5.49 -23.58
CA CYS A 248 4.72 -5.77 -24.06
C CYS A 248 4.51 -5.20 -25.47
N ARG A 249 3.56 -5.80 -26.19
CA ARG A 249 3.24 -5.40 -27.57
C ARG A 249 2.45 -4.09 -27.69
N PRO A 250 1.43 -3.88 -26.81
CA PRO A 250 0.59 -2.68 -26.97
C PRO A 250 1.28 -1.35 -26.66
N ARG A 251 2.15 -1.34 -25.63
CA ARG A 251 2.81 -0.10 -25.18
C ARG A 251 4.31 -0.33 -24.91
N PRO A 252 5.08 -0.74 -25.96
CA PRO A 252 6.47 -1.18 -25.77
C PRO A 252 7.42 -0.08 -25.25
N ARG A 253 7.17 1.18 -25.57
CA ARG A 253 8.05 2.28 -25.14
C ARG A 253 7.81 2.63 -23.67
N ALA A 254 6.56 2.89 -23.31
CA ALA A 254 6.19 3.11 -21.90
C ALA A 254 6.55 1.93 -21.02
N CYS A 255 6.40 0.71 -21.55
CA CYS A 255 6.72 -0.50 -20.80
C CYS A 255 8.21 -0.59 -20.49
N ALA A 256 9.03 -0.37 -21.50
CA ALA A 256 10.50 -0.31 -21.33
C ALA A 256 10.87 0.73 -20.29
N SER A 257 10.28 1.92 -20.41
CA SER A 257 10.55 2.99 -19.46
C SER A 257 10.20 2.60 -18.03
N LEU A 258 9.07 1.92 -17.86
CA LEU A 258 8.62 1.53 -16.54
C LEU A 258 9.50 0.44 -15.96
N ILE A 259 9.88 -0.52 -16.81
CA ILE A 259 10.82 -1.55 -16.41
C ILE A 259 12.13 -0.92 -15.90
N GLY A 260 12.67 0.03 -16.65
CA GLY A 260 13.87 0.78 -16.24
C GLY A 260 13.74 1.50 -14.91
N LEU A 261 12.62 2.20 -14.72
CA LEU A 261 12.34 2.89 -13.45
C LEU A 261 12.26 1.91 -12.29
N MET A 262 11.57 0.80 -12.53
CA MET A 262 11.46 -0.27 -11.54
C MET A 262 12.84 -0.72 -11.07
N GLN A 263 13.72 -0.99 -12.03
CA GLN A 263 15.07 -1.47 -11.74
C GLN A 263 15.86 -0.48 -10.87
N ARG A 264 15.72 0.81 -11.15
CA ARG A 264 16.38 1.81 -10.33
C ARG A 264 15.82 1.86 -8.91
N CYS A 265 14.50 1.68 -8.79
CA CYS A 265 13.84 1.66 -7.50
C CYS A 265 14.20 0.43 -6.64
N TRP A 266 14.56 -0.71 -7.27
CA TRP A 266 15.03 -1.88 -6.50
C TRP A 266 16.56 -2.06 -6.45
N HIS A 267 17.31 -0.99 -6.66
CA HIS A 267 18.77 -1.05 -6.65
C HIS A 267 19.27 -1.47 -5.27
N ALA A 268 20.34 -2.25 -5.26
CA ALA A 268 20.96 -2.77 -4.02
C ALA A 268 21.30 -1.65 -3.03
N ASP A 269 21.95 -0.61 -3.56
CA ASP A 269 22.32 0.57 -2.79
C ASP A 269 21.12 1.51 -2.58
N PRO A 270 20.65 1.67 -1.33
CA PRO A 270 19.47 2.53 -1.10
C PRO A 270 19.63 3.97 -1.59
N GLN A 271 20.85 4.51 -1.54
CA GLN A 271 21.09 5.92 -1.87
C GLN A 271 21.08 6.20 -3.36
N VAL A 272 21.17 5.15 -4.18
CA VAL A 272 21.09 5.27 -5.64
C VAL A 272 19.63 5.26 -6.13
N ARG A 273 18.70 4.78 -5.30
CA ARG A 273 17.30 4.71 -5.67
C ARG A 273 16.71 6.11 -5.82
N PRO A 274 15.77 6.29 -6.77
CA PRO A 274 15.14 7.60 -6.91
C PRO A 274 14.31 8.02 -5.71
N THR A 275 14.11 9.33 -5.58
CA THR A 275 13.10 9.84 -4.66
C THR A 275 11.73 9.72 -5.34
N PHE A 276 10.66 9.80 -4.57
CA PHE A 276 9.32 9.83 -5.16
C PHE A 276 9.03 11.12 -5.94
N GLN A 277 9.80 12.19 -5.67
CA GLN A 277 9.76 13.40 -6.52
C GLN A 277 10.19 13.07 -7.95
N GLU A 278 11.31 12.35 -8.07
CA GLU A 278 11.80 11.91 -9.37
C GLU A 278 10.88 10.86 -10.00
N ILE A 279 10.43 9.89 -9.20
CA ILE A 279 9.55 8.83 -9.68
C ILE A 279 8.27 9.39 -10.29
N THR A 280 7.63 10.34 -9.59
CA THR A 280 6.36 10.91 -10.06
C THR A 280 6.49 11.69 -11.36
N SER A 281 7.62 12.37 -11.55
CA SER A 281 7.90 13.06 -12.84
C SER A 281 7.86 12.09 -14.01
N GLU A 282 8.42 10.90 -13.79
CA GLU A 282 8.50 9.89 -14.83
C GLU A 282 7.21 9.13 -15.04
N THR A 283 6.51 8.80 -13.95
CA THR A 283 5.25 8.06 -14.04
C THR A 283 4.14 8.93 -14.64
N GLU A 284 4.21 10.24 -14.42
CA GLU A 284 3.30 11.18 -15.07
C GLU A 284 3.42 11.12 -16.60
N ASP A 285 4.65 11.02 -17.11
CA ASP A 285 4.88 10.93 -18.56
C ASP A 285 4.36 9.61 -19.16
N LEU A 286 4.35 8.54 -18.36
CA LEU A 286 3.77 7.26 -18.81
C LEU A 286 2.26 7.33 -19.05
N CYS A 287 1.58 8.23 -18.34
CA CYS A 287 0.14 8.43 -18.50
C CYS A 287 -0.24 9.31 -19.70
N GLU A 288 0.75 9.91 -20.37
CA GLU A 288 0.56 10.51 -21.69
C GLU A 288 0.53 9.43 -22.77
O4 STU B . -8.98 -6.39 3.83
C25 STU B . -9.43 -6.41 2.47
C24 STU B . -8.33 -6.65 1.44
C23 STU B . -6.98 -6.82 2.13
C22 STU B . -6.76 -5.64 3.06
C21 STU B . -7.77 -5.72 4.22
C26 STU B . -7.22 -6.57 5.37
N2 STU B . -8.12 -4.32 4.61
C18 STU B . -9.12 -3.62 3.99
C19 STU B . -10.08 -4.00 2.92
C6 STU B . -11.07 -3.03 2.45
C7 STU B . -11.07 -1.69 3.06
C10 STU B . -10.13 -1.27 4.10
C11 STU B . -9.14 -2.26 4.57
C12 STU B . -8.07 -2.23 5.56
C17 STU B . -7.41 -3.58 5.56
C16 STU B . -6.36 -3.72 6.45
C15 STU B . -5.97 -2.65 7.28
C14 STU B . -6.62 -1.40 7.25
C13 STU B . -7.68 -1.19 6.38
C9 STU B . -10.37 0.10 4.50
N1 STU B . -11.49 0.51 3.63
C8 STU B . -11.90 -0.50 2.82
O5 STU B . -12.86 -0.41 1.97
C5 STU B . -11.83 -3.72 1.42
C20 STU B . -11.25 -5.08 1.34
C1 STU B . -11.82 -5.95 0.42
C2 STU B . -12.89 -5.52 -0.38
C3 STU B . -13.42 -4.23 -0.27
C4 STU B . -12.90 -3.31 0.63
N3 STU B . -10.21 -5.18 2.25
O6 STU B . -6.92 -4.45 2.28
C27 STU B . -6.05 -3.34 2.56
N4 STU B . -5.90 -6.96 1.17
C28 STU B . -5.85 -8.10 0.27
CL CL C . 4.22 2.95 -25.87
#